data_4Y7F
#
_entry.id   4Y7F
#
_cell.length_a   97.940
_cell.length_b   97.940
_cell.length_c   126.780
_cell.angle_alpha   90.00
_cell.angle_beta   90.00
_cell.angle_gamma   90.00
#
_symmetry.space_group_name_H-M   'I 41'
#
loop_
_entity.id
_entity.type
_entity.pdbx_description
1 polymer 'Glucosyl-3-phosphoglycerate synthase'
2 non-polymer 'MANGANESE (II) ION'
3 non-polymer '3-(phosphonooxy)propanoic acid'
4 non-polymer "URIDINE-5'-DIPHOSPHATE-GLUCOSE"
5 non-polymer 'SULFATE ION'
6 non-polymer 1,2-ETHANEDIOL
7 water water
#
_entity_poly.entity_id   1
_entity_poly.type   'polypeptide(L)'
_entity_poly.pdbx_seq_one_letter_code
;GSGAMTASELVAGDLAGGRAPGALPLDTTWHRPGWTIGELEAAKAGRTISVVLPALNEEATIESVIDSISPLVDGLVDEL
IVLDSGSTDDTEIRAIASGARVVSREQALPEVPVRPGKGEALWRSLAATSGDIVVFIDSDLINPHPLFVPWLVGPLLTGE
GIQLVKSFYRRPLQVSDVTSGVCATGGGRVTELVARPLLAALRPELGCVLQPLSGEYAASRELLTSLPFAPGYGVEIGLL
IDTFDRLGLDAIAQVNLGVRAHRNRPLDELGAMSRQVIATLLSRCGIPDSGVGLTQFLPGGPDDSDYTRHTWPVSLVDRP
PMKVMRPR
;
_entity_poly.pdbx_strand_id   A
#
# COMPACT_ATOMS: atom_id res chain seq x y z
N PRO A 25 4.12 -12.91 -17.91
CA PRO A 25 5.38 -13.49 -17.38
C PRO A 25 5.44 -13.43 -15.85
N LEU A 26 4.29 -13.11 -15.27
CA LEU A 26 4.16 -12.81 -13.86
C LEU A 26 2.97 -13.62 -13.36
N ASP A 27 3.12 -14.32 -12.24
CA ASP A 27 2.00 -15.06 -11.64
C ASP A 27 0.76 -14.20 -11.46
N THR A 28 -0.23 -14.45 -12.30
CA THR A 28 -1.43 -13.65 -12.28
C THR A 28 -2.66 -14.54 -12.07
N THR A 29 -3.41 -14.25 -11.01
CA THR A 29 -4.67 -14.94 -10.75
C THR A 29 -5.84 -14.11 -11.31
N TRP A 30 -6.37 -14.53 -12.46
CA TRP A 30 -7.38 -13.75 -13.19
C TRP A 30 -8.83 -13.83 -12.69
N HIS A 31 -9.19 -14.95 -12.05
CA HIS A 31 -10.54 -15.16 -11.56
C HIS A 31 -10.55 -15.38 -10.05
N ARG A 32 -11.74 -15.49 -9.50
CA ARG A 32 -11.92 -15.71 -8.07
C ARG A 32 -11.10 -16.89 -7.55
N PRO A 33 -10.20 -16.64 -6.57
CA PRO A 33 -9.41 -17.70 -5.93
C PRO A 33 -10.30 -18.76 -5.28
N GLY A 34 -9.86 -20.01 -5.19
CA GLY A 34 -10.75 -21.10 -4.78
C GLY A 34 -10.55 -21.50 -3.34
N TRP A 35 -9.48 -21.03 -2.74
CA TRP A 35 -9.17 -21.34 -1.34
C TRP A 35 -10.26 -20.87 -0.37
N THR A 36 -10.65 -21.69 0.61
CA THR A 36 -11.60 -21.24 1.62
C THR A 36 -10.85 -20.62 2.79
N ILE A 37 -11.53 -19.80 3.59
CA ILE A 37 -10.90 -19.17 4.74
C ILE A 37 -10.25 -20.15 5.72
N GLY A 38 -10.89 -21.29 5.92
CA GLY A 38 -10.36 -22.29 6.83
C GLY A 38 -9.11 -22.98 6.34
N GLU A 39 -9.03 -23.23 5.03
CA GLU A 39 -7.81 -23.73 4.42
C GLU A 39 -6.64 -22.78 4.63
N LEU A 40 -6.90 -21.51 4.30
CA LEU A 40 -5.90 -20.45 4.38
C LEU A 40 -5.35 -20.33 5.81
N GLU A 41 -6.26 -20.39 6.78
CA GLU A 41 -5.87 -20.35 8.18
C GLU A 41 -4.94 -21.52 8.54
N ALA A 42 -5.26 -22.71 8.05
CA ALA A 42 -4.40 -23.90 8.23
C ALA A 42 -2.99 -23.69 7.66
N ALA A 43 -2.96 -23.09 6.48
CA ALA A 43 -1.72 -22.82 5.72
C ALA A 43 -0.77 -21.82 6.38
N LYS A 44 -1.27 -21.08 7.37
CA LYS A 44 -0.48 -20.08 8.06
C LYS A 44 0.76 -20.73 8.68
N ALA A 45 0.55 -21.88 9.32
CA ALA A 45 1.66 -22.64 9.88
C ALA A 45 2.53 -21.84 10.83
N GLY A 46 1.89 -21.15 11.78
CA GLY A 46 2.60 -20.38 12.79
C GLY A 46 2.92 -18.96 12.38
N ARG A 47 2.89 -18.69 11.07
CA ARG A 47 3.04 -17.33 10.57
C ARG A 47 1.82 -16.52 11.04
N THR A 48 2.03 -15.26 11.41
CA THR A 48 0.92 -14.36 11.72
C THR A 48 0.63 -13.37 10.63
N ILE A 49 -0.55 -12.75 10.70
CA ILE A 49 -0.98 -11.83 9.66
C ILE A 49 -1.46 -10.54 10.31
N SER A 50 -0.83 -9.44 9.96
CA SER A 50 -1.32 -8.13 10.34
C SER A 50 -1.95 -7.42 9.15
N VAL A 51 -3.02 -6.67 9.42
CA VAL A 51 -3.64 -5.82 8.39
C VAL A 51 -3.55 -4.36 8.80
N VAL A 52 -3.14 -3.53 7.86
CA VAL A 52 -3.01 -2.11 8.12
C VAL A 52 -3.88 -1.30 7.19
N LEU A 53 -4.64 -0.39 7.79
CA LEU A 53 -5.40 0.56 7.00
C LEU A 53 -4.83 1.93 7.27
N PRO A 54 -4.08 2.48 6.30
CA PRO A 54 -3.60 3.84 6.50
C PRO A 54 -4.79 4.79 6.32
N ALA A 55 -4.86 5.88 7.07
CA ALA A 55 -6.01 6.72 6.91
C ALA A 55 -5.71 8.17 7.18
N LEU A 56 -6.05 9.01 6.22
CA LEU A 56 -5.99 10.44 6.42
C LEU A 56 -7.31 11.00 6.00
N ASN A 57 -8.12 11.38 7.00
CA ASN A 57 -9.42 11.99 6.78
C ASN A 57 -10.36 11.18 5.91
N GLU A 58 -10.54 9.91 6.27
CA GLU A 58 -11.46 9.05 5.54
C GLU A 58 -12.69 8.64 6.40
N GLU A 59 -13.25 9.58 7.15
CA GLU A 59 -14.33 9.28 8.10
C GLU A 59 -15.57 8.67 7.42
N ALA A 60 -15.78 9.03 6.18
CA ALA A 60 -16.97 8.57 5.44
C ALA A 60 -16.93 7.11 5.05
N THR A 61 -15.73 6.55 4.93
CA THR A 61 -15.54 5.22 4.37
C THR A 61 -14.81 4.27 5.29
N ILE A 62 -14.13 4.81 6.29
CA ILE A 62 -13.27 3.99 7.16
C ILE A 62 -13.99 2.83 7.84
N GLU A 63 -15.22 3.09 8.31
CA GLU A 63 -15.98 2.09 9.06
C GLU A 63 -16.38 0.92 8.21
N SER A 64 -16.84 1.22 7.01
CA SER A 64 -17.12 0.18 6.05
C SER A 64 -15.90 -0.73 5.77
N VAL A 65 -14.71 -0.14 5.68
CA VAL A 65 -13.50 -0.91 5.46
C VAL A 65 -13.14 -1.79 6.64
N ILE A 66 -13.15 -1.22 7.85
CA ILE A 66 -12.82 -2.01 9.03
C ILE A 66 -13.79 -3.19 9.17
N ASP A 67 -15.08 -2.92 9.00
CA ASP A 67 -16.09 -3.95 9.13
C ASP A 67 -15.93 -5.07 8.11
N SER A 68 -15.37 -4.76 6.94
CA SER A 68 -15.17 -5.78 5.91
C SER A 68 -14.13 -6.79 6.35
N ILE A 69 -13.32 -6.40 7.33
CA ILE A 69 -12.15 -7.19 7.70
C ILE A 69 -12.16 -7.71 9.14
N SER A 70 -12.82 -7.01 10.05
CA SER A 70 -12.71 -7.34 11.47
C SER A 70 -13.26 -8.73 11.81
N PRO A 71 -14.20 -9.25 10.99
CA PRO A 71 -14.64 -10.63 11.28
C PRO A 71 -13.51 -11.66 11.14
N LEU A 72 -12.39 -11.30 10.50
CA LEU A 72 -11.29 -12.23 10.29
C LEU A 72 -10.33 -12.24 11.48
N VAL A 73 -10.46 -11.22 12.33
CA VAL A 73 -9.49 -11.01 13.39
C VAL A 73 -9.65 -12.15 14.40
N ASP A 74 -8.53 -12.61 14.93
CA ASP A 74 -8.46 -13.75 15.84
C ASP A 74 -8.65 -15.05 15.09
N GLY A 75 -8.80 -14.96 13.76
CA GLY A 75 -8.84 -16.14 12.94
C GLY A 75 -7.69 -16.09 11.96
N LEU A 76 -8.03 -15.84 10.70
CA LEU A 76 -7.01 -15.72 9.65
C LEU A 76 -6.08 -14.53 9.91
N VAL A 77 -6.67 -13.41 10.29
CA VAL A 77 -5.96 -12.18 10.61
C VAL A 77 -5.74 -12.17 12.08
N ASP A 78 -4.50 -12.00 12.52
CA ASP A 78 -4.22 -12.02 13.93
C ASP A 78 -4.32 -10.63 14.49
N GLU A 79 -4.24 -9.63 13.62
CA GLU A 79 -4.10 -8.27 14.08
C GLU A 79 -4.56 -7.31 13.00
N LEU A 80 -5.32 -6.30 13.41
CA LEU A 80 -5.74 -5.25 12.49
C LEU A 80 -5.54 -3.89 13.11
N ILE A 81 -4.82 -3.00 12.43
CA ILE A 81 -4.76 -1.63 12.91
C ILE A 81 -5.10 -0.60 11.84
N VAL A 82 -5.55 0.53 12.35
CA VAL A 82 -5.68 1.73 11.57
C VAL A 82 -4.50 2.59 11.91
N LEU A 83 -3.75 2.95 10.88
CA LEU A 83 -2.66 3.88 11.05
C LEU A 83 -3.18 5.28 10.74
N ASP A 84 -3.47 6.05 11.80
CA ASP A 84 -4.10 7.34 11.58
C ASP A 84 -2.96 8.28 11.25
N SER A 85 -3.09 8.95 10.11
CA SER A 85 -1.98 9.67 9.52
C SER A 85 -2.18 11.19 9.69
N GLY A 86 -2.67 11.60 10.84
CA GLY A 86 -2.91 13.01 11.11
C GLY A 86 -4.32 13.47 10.84
N SER A 87 -5.31 12.59 10.96
CA SER A 87 -6.67 12.98 10.59
C SER A 87 -7.19 14.06 11.49
N THR A 88 -7.96 14.98 10.96
CA THR A 88 -8.61 15.97 11.80
C THR A 88 -10.14 15.88 11.75
N ASP A 89 -10.69 14.89 11.06
CA ASP A 89 -12.13 14.67 11.07
C ASP A 89 -12.46 13.61 12.12
N ASP A 90 -13.56 12.88 11.93
CA ASP A 90 -13.96 11.85 12.89
C ASP A 90 -13.41 10.46 12.56
N THR A 91 -12.34 10.41 11.76
CA THR A 91 -11.78 9.14 11.29
C THR A 91 -11.43 8.26 12.48
N GLU A 92 -10.77 8.85 13.45
CA GLU A 92 -10.24 8.05 14.52
C GLU A 92 -11.33 7.53 15.45
N ILE A 93 -12.26 8.40 15.84
CA ILE A 93 -13.34 7.99 16.76
C ILE A 93 -14.29 6.95 16.14
N ARG A 94 -14.58 7.13 14.86
CA ARG A 94 -15.43 6.20 14.15
C ARG A 94 -14.73 4.88 13.97
N ALA A 95 -13.41 4.94 13.76
CA ALA A 95 -12.64 3.73 13.60
C ALA A 95 -12.61 2.98 14.93
N ILE A 96 -12.40 3.72 16.02
CA ILE A 96 -12.39 3.12 17.37
C ILE A 96 -13.74 2.50 17.67
N ALA A 97 -14.79 3.16 17.21
CA ALA A 97 -16.14 2.73 17.47
C ALA A 97 -16.47 1.50 16.66
N SER A 98 -15.63 1.20 15.68
CA SER A 98 -15.76 -0.05 14.93
C SER A 98 -14.85 -1.11 15.52
N GLY A 99 -14.28 -0.81 16.69
CA GLY A 99 -13.49 -1.81 17.38
C GLY A 99 -12.07 -2.00 16.93
N ALA A 100 -11.58 -1.10 16.08
CA ALA A 100 -10.23 -1.19 15.55
C ALA A 100 -9.26 -0.58 16.54
N ARG A 101 -8.05 -1.17 16.64
CA ARG A 101 -6.94 -0.52 17.31
C ARG A 101 -6.42 0.60 16.44
N VAL A 102 -6.42 1.81 16.98
CA VAL A 102 -5.94 2.96 16.23
C VAL A 102 -4.58 3.43 16.70
N VAL A 103 -3.66 3.59 15.76
CA VAL A 103 -2.28 3.99 16.06
C VAL A 103 -1.90 5.25 15.28
N SER A 104 -1.52 6.30 15.99
CA SER A 104 -1.02 7.51 15.34
C SER A 104 0.36 7.29 14.76
N ARG A 105 0.80 8.17 13.86
CA ARG A 105 2.13 8.07 13.32
C ARG A 105 3.12 8.19 14.48
N GLU A 106 2.80 9.09 15.42
CA GLU A 106 3.66 9.30 16.57
C GLU A 106 3.73 8.04 17.43
N GLN A 107 2.62 7.35 17.62
CA GLN A 107 2.66 6.18 18.48
C GLN A 107 3.37 5.00 17.89
N ALA A 108 3.26 4.80 16.58
CA ALA A 108 3.95 3.69 15.91
C ALA A 108 5.45 3.69 16.11
N LEU A 109 6.03 4.88 16.18
CA LEU A 109 7.48 5.02 16.25
C LEU A 109 7.82 6.39 16.81
N PRO A 110 7.69 6.53 18.13
CA PRO A 110 7.60 7.86 18.73
C PRO A 110 8.93 8.60 18.86
N GLU A 111 10.05 7.86 18.78
CA GLU A 111 11.38 8.45 18.89
C GLU A 111 11.83 9.24 17.68
N VAL A 112 11.07 9.09 16.62
CA VAL A 112 11.41 9.63 15.31
C VAL A 112 10.31 10.62 14.93
N PRO A 113 10.66 11.90 14.74
CA PRO A 113 9.66 12.90 14.37
C PRO A 113 8.88 12.53 13.10
N VAL A 114 7.60 12.93 13.02
CA VAL A 114 6.71 12.44 11.97
C VAL A 114 6.86 13.28 10.72
N ARG A 115 7.00 12.63 9.57
CA ARG A 115 6.91 13.32 8.29
C ARG A 115 5.57 13.11 7.65
N PRO A 116 5.16 14.05 6.79
CA PRO A 116 3.91 13.87 6.07
C PRO A 116 3.97 12.80 4.98
N GLY A 117 2.81 12.24 4.65
CA GLY A 117 2.62 11.44 3.44
C GLY A 117 2.33 9.99 3.72
N LYS A 118 1.84 9.28 2.71
CA LYS A 118 1.43 7.90 2.89
C LYS A 118 2.56 6.93 3.23
N GLY A 119 3.69 7.07 2.55
CA GLY A 119 4.79 6.13 2.69
C GLY A 119 5.26 6.12 4.13
N GLU A 120 5.21 7.29 4.76
CA GLU A 120 5.61 7.41 6.14
C GLU A 120 4.67 6.58 6.99
N ALA A 121 3.39 6.64 6.70
CA ALA A 121 2.40 5.93 7.49
C ALA A 121 2.60 4.43 7.39
N LEU A 122 2.79 3.95 6.16
CA LEU A 122 3.01 2.54 5.93
C LEU A 122 4.34 2.11 6.55
N TRP A 123 5.36 2.96 6.48
CA TRP A 123 6.62 2.55 7.03
C TRP A 123 6.50 2.41 8.54
N ARG A 124 5.96 3.43 9.18
CA ARG A 124 5.71 3.40 10.61
C ARG A 124 4.85 2.22 11.02
N SER A 125 3.87 1.88 10.21
CA SER A 125 3.02 0.75 10.51
C SER A 125 3.79 -0.54 10.68
N LEU A 126 4.95 -0.67 10.06
CA LEU A 126 5.75 -1.87 10.31
C LEU A 126 6.21 -2.00 11.74
N ALA A 127 6.46 -0.88 12.40
CA ALA A 127 6.88 -0.88 13.79
C ALA A 127 5.72 -1.11 14.75
N ALA A 128 4.49 -1.02 14.24
CA ALA A 128 3.30 -1.10 15.09
C ALA A 128 2.57 -2.42 14.89
N THR A 129 3.17 -3.29 14.09
CA THR A 129 2.62 -4.61 13.81
C THR A 129 3.71 -5.66 14.03
N SER A 130 3.33 -6.93 14.07
CA SER A 130 4.27 -8.02 14.25
C SER A 130 3.96 -9.25 13.40
N GLY A 131 3.00 -9.14 12.50
CA GLY A 131 2.71 -10.24 11.60
C GLY A 131 3.88 -10.58 10.73
N ASP A 132 4.05 -11.87 10.47
CA ASP A 132 5.03 -12.31 9.50
C ASP A 132 4.61 -11.81 8.12
N ILE A 133 3.31 -11.62 7.95
CA ILE A 133 2.75 -11.08 6.72
C ILE A 133 1.99 -9.80 7.02
N VAL A 134 2.14 -8.81 6.15
CA VAL A 134 1.45 -7.55 6.32
C VAL A 134 0.58 -7.28 5.10
N VAL A 135 -0.67 -6.90 5.36
CA VAL A 135 -1.59 -6.54 4.29
C VAL A 135 -2.00 -5.07 4.41
N PHE A 136 -1.93 -4.35 3.29
CA PHE A 136 -2.38 -2.96 3.25
C PHE A 136 -3.69 -2.85 2.50
N ILE A 137 -4.65 -2.11 3.05
CA ILE A 137 -5.91 -1.83 2.35
C ILE A 137 -6.22 -0.35 2.52
N ASP A 138 -6.48 0.38 1.43
CA ASP A 138 -6.75 1.79 1.60
C ASP A 138 -8.05 1.98 2.35
N SER A 139 -8.15 3.04 3.14
CA SER A 139 -9.31 3.29 4.00
C SER A 139 -10.38 4.18 3.35
N ASP A 140 -10.15 4.58 2.10
CA ASP A 140 -11.11 5.40 1.35
C ASP A 140 -11.96 4.57 0.40
N LEU A 141 -11.90 3.24 0.53
CA LEU A 141 -12.67 2.34 -0.35
C LEU A 141 -14.18 2.33 -0.11
N ILE A 142 -14.91 2.32 -1.21
CA ILE A 142 -16.36 2.19 -1.13
C ILE A 142 -16.81 0.73 -1.24
N ASN A 143 -17.41 0.27 -0.16
CA ASN A 143 -17.84 -1.12 0.01
C ASN A 143 -16.86 -2.14 -0.49
N PRO A 144 -15.78 -2.33 0.26
CA PRO A 144 -14.80 -3.32 -0.19
C PRO A 144 -15.26 -4.74 0.07
N HIS A 145 -14.87 -5.68 -0.77
CA HIS A 145 -15.25 -7.06 -0.56
C HIS A 145 -14.63 -7.59 0.74
N PRO A 146 -15.39 -8.37 1.50
CA PRO A 146 -14.84 -8.93 2.74
C PRO A 146 -13.77 -10.00 2.45
N LEU A 147 -13.67 -10.40 1.18
CA LEU A 147 -12.65 -11.34 0.78
C LEU A 147 -11.36 -10.73 0.23
N PHE A 148 -11.27 -9.40 0.19
CA PHE A 148 -10.02 -8.77 -0.23
C PHE A 148 -8.80 -9.41 0.43
N VAL A 149 -8.80 -9.46 1.76
CA VAL A 149 -7.65 -9.98 2.49
C VAL A 149 -7.36 -11.45 2.24
N PRO A 150 -8.38 -12.30 2.29
CA PRO A 150 -8.11 -13.67 1.90
C PRO A 150 -7.55 -13.79 0.49
N TRP A 151 -8.10 -13.02 -0.43
CA TRP A 151 -7.61 -13.07 -1.80
C TRP A 151 -6.14 -12.64 -1.97
N LEU A 152 -5.72 -11.63 -1.20
CA LEU A 152 -4.35 -11.13 -1.21
C LEU A 152 -3.31 -12.04 -0.55
N VAL A 153 -3.68 -12.77 0.49
CA VAL A 153 -2.71 -13.58 1.21
C VAL A 153 -2.57 -14.95 0.54
N GLY A 154 -3.49 -15.28 -0.35
CA GLY A 154 -3.49 -16.59 -0.96
C GLY A 154 -2.13 -16.98 -1.49
N PRO A 155 -1.57 -16.17 -2.38
CA PRO A 155 -0.28 -16.53 -2.96
C PRO A 155 0.90 -16.54 -1.96
N LEU A 156 0.84 -15.75 -0.89
CA LEU A 156 1.93 -15.73 0.08
C LEU A 156 1.92 -17.00 0.91
N LEU A 157 0.74 -17.55 1.07
CA LEU A 157 0.49 -18.64 2.00
C LEU A 157 0.74 -19.97 1.31
N THR A 158 0.34 -20.02 0.05
CA THR A 158 0.28 -21.27 -0.69
C THR A 158 1.30 -21.30 -1.81
N GLY A 159 2.04 -20.21 -2.02
CA GLY A 159 3.00 -20.21 -3.10
C GLY A 159 4.35 -20.66 -2.59
N GLU A 160 5.36 -20.57 -3.44
CA GLU A 160 6.74 -20.63 -2.97
C GLU A 160 7.50 -19.45 -3.53
N GLY A 161 8.23 -18.78 -2.64
CA GLY A 161 9.08 -17.69 -3.05
C GLY A 161 8.35 -16.38 -3.32
N ILE A 162 7.02 -16.40 -3.23
CA ILE A 162 6.26 -15.16 -3.36
C ILE A 162 6.45 -14.35 -2.10
N GLN A 163 6.86 -13.09 -2.25
CA GLN A 163 7.01 -12.21 -1.11
C GLN A 163 6.10 -10.98 -1.25
N LEU A 164 5.53 -10.79 -2.45
CA LEU A 164 4.72 -9.62 -2.71
C LEU A 164 3.52 -9.92 -3.60
N VAL A 165 2.33 -9.45 -3.18
CA VAL A 165 1.10 -9.58 -3.97
C VAL A 165 0.38 -8.25 -4.22
N LYS A 166 0.21 -7.89 -5.48
CA LYS A 166 -0.51 -6.67 -5.85
C LYS A 166 -1.92 -7.05 -6.25
N SER A 167 -2.86 -6.14 -6.06
CA SER A 167 -4.22 -6.38 -6.50
C SER A 167 -4.33 -5.76 -7.85
N PHE A 168 -5.34 -6.18 -8.62
CA PHE A 168 -5.84 -5.38 -9.71
C PHE A 168 -7.35 -5.43 -9.78
N TYR A 169 -7.94 -4.65 -10.68
N TYR A 169 -7.91 -4.81 -10.81
CA TYR A 169 -9.37 -4.43 -10.71
CA TYR A 169 -9.22 -4.20 -10.74
C TYR A 169 -9.78 -3.66 -11.95
C TYR A 169 -9.84 -3.96 -12.11
N ARG A 170 -11.10 -3.53 -12.13
CA ARG A 170 -11.71 -2.94 -13.33
C ARG A 170 -12.06 -1.46 -13.10
N GLY A 187 -10.46 6.43 -14.49
CA GLY A 187 -10.29 4.99 -14.56
C GLY A 187 -8.84 4.52 -14.31
N GLY A 188 -8.17 5.14 -13.34
CA GLY A 188 -6.77 4.82 -13.02
C GLY A 188 -5.83 5.78 -13.73
N ARG A 189 -6.09 7.08 -13.60
CA ARG A 189 -5.45 8.10 -14.44
C ARG A 189 -3.94 8.21 -14.22
N VAL A 190 -3.50 8.25 -12.96
CA VAL A 190 -2.08 8.35 -12.71
C VAL A 190 -1.47 7.02 -13.15
N THR A 191 -2.17 5.92 -12.87
CA THR A 191 -1.69 4.59 -13.21
C THR A 191 -1.54 4.46 -14.72
N GLU A 192 -2.57 4.83 -15.49
CA GLU A 192 -2.54 4.51 -16.92
C GLU A 192 -1.73 5.53 -17.75
N LEU A 193 -1.64 6.76 -17.25
CA LEU A 193 -0.93 7.85 -17.93
C LEU A 193 0.48 8.03 -17.42
N VAL A 194 0.72 7.72 -16.16
CA VAL A 194 2.03 7.99 -15.58
C VAL A 194 2.81 6.71 -15.29
N ALA A 195 2.29 5.88 -14.39
CA ALA A 195 3.08 4.76 -13.91
C ALA A 195 3.26 3.65 -14.94
N ARG A 196 2.19 3.21 -15.58
CA ARG A 196 2.34 2.13 -16.53
C ARG A 196 3.21 2.51 -17.72
N PRO A 197 2.98 3.70 -18.30
CA PRO A 197 3.87 4.10 -19.39
C PRO A 197 5.30 4.33 -18.98
N LEU A 198 5.56 4.87 -17.80
CA LEU A 198 6.94 5.01 -17.34
C LEU A 198 7.67 3.71 -17.08
N LEU A 199 6.92 2.75 -16.55
CA LEU A 199 7.44 1.41 -16.36
C LEU A 199 7.77 0.83 -17.71
N ALA A 200 6.93 1.11 -18.69
CA ALA A 200 7.20 0.58 -19.99
C ALA A 200 8.51 1.19 -20.47
N ALA A 201 8.70 2.47 -20.17
CA ALA A 201 9.92 3.16 -20.53
C ALA A 201 11.12 2.64 -19.78
N LEU A 202 11.00 2.35 -18.50
CA LEU A 202 12.19 2.20 -17.66
C LEU A 202 12.34 0.85 -16.97
N ARG A 203 11.27 0.10 -16.83
CA ARG A 203 11.37 -1.24 -16.29
C ARG A 203 10.33 -2.06 -17.03
N PRO A 204 10.51 -2.19 -18.34
CA PRO A 204 9.46 -2.79 -19.18
C PRO A 204 9.11 -4.19 -18.73
N GLU A 205 10.01 -4.82 -17.97
CA GLU A 205 9.77 -6.14 -17.42
C GLU A 205 8.54 -6.11 -16.50
N LEU A 206 8.22 -4.93 -15.97
CA LEU A 206 7.07 -4.79 -15.09
C LEU A 206 5.84 -4.34 -15.89
N GLY A 207 5.92 -4.37 -17.21
CA GLY A 207 4.77 -4.00 -18.02
C GLY A 207 3.54 -4.87 -17.79
N CYS A 208 3.76 -6.06 -17.25
CA CYS A 208 2.68 -7.01 -17.05
C CYS A 208 1.94 -6.74 -15.73
N VAL A 209 2.41 -5.78 -14.93
CA VAL A 209 1.74 -5.46 -13.67
C VAL A 209 0.57 -4.55 -14.02
N LEU A 210 -0.66 -5.00 -13.73
CA LEU A 210 -1.83 -4.24 -14.19
C LEU A 210 -2.18 -3.01 -13.34
N GLN A 211 -1.93 -3.09 -12.04
CA GLN A 211 -2.24 -2.00 -11.12
C GLN A 211 -1.05 -1.77 -10.19
N PRO A 212 0.05 -1.26 -10.75
CA PRO A 212 1.27 -1.03 -9.95
C PRO A 212 1.07 -0.07 -8.79
N LEU A 213 0.14 0.85 -8.93
CA LEU A 213 -0.13 1.83 -7.89
C LEU A 213 -1.22 1.35 -6.94
N SER A 214 -1.64 0.10 -7.07
CA SER A 214 -2.72 -0.38 -6.24
C SER A 214 -2.35 -0.25 -4.79
N GLY A 215 -3.30 0.21 -3.99
CA GLY A 215 -3.09 0.40 -2.57
C GLY A 215 -3.47 -0.83 -1.78
N GLU A 216 -4.15 -1.78 -2.41
CA GLU A 216 -4.41 -3.06 -1.78
C GLU A 216 -3.37 -4.07 -2.19
N TYR A 217 -2.47 -4.36 -1.27
CA TYR A 217 -1.47 -5.37 -1.50
C TYR A 217 -1.00 -5.91 -0.16
N ALA A 218 -0.23 -7.00 -0.24
CA ALA A 218 0.34 -7.68 0.92
C ALA A 218 1.75 -8.14 0.58
N ALA A 219 2.57 -8.28 1.62
CA ALA A 219 3.97 -8.69 1.47
C ALA A 219 4.49 -9.25 2.79
N SER A 220 5.58 -10.02 2.72
CA SER A 220 6.22 -10.53 3.93
C SER A 220 6.89 -9.43 4.72
N ARG A 221 6.88 -9.53 6.05
CA ARG A 221 7.61 -8.59 6.87
C ARG A 221 9.08 -8.61 6.50
N GLU A 222 9.58 -9.82 6.21
CA GLU A 222 11.00 -10.00 5.89
C GLU A 222 11.32 -9.14 4.71
N LEU A 223 10.48 -9.17 3.70
CA LEU A 223 10.66 -8.27 2.57
C LEU A 223 10.51 -6.80 2.97
N LEU A 224 9.39 -6.46 3.61
CA LEU A 224 9.10 -5.06 3.85
C LEU A 224 10.10 -4.36 4.73
N THR A 225 10.57 -5.02 5.77
CA THR A 225 11.53 -4.39 6.66
C THR A 225 12.93 -4.37 6.06
N SER A 226 13.07 -5.00 4.89
CA SER A 226 14.33 -5.02 4.16
C SER A 226 14.39 -3.99 3.08
N LEU A 227 13.28 -3.33 2.83
CA LEU A 227 13.20 -2.34 1.78
C LEU A 227 13.03 -0.94 2.35
N PRO A 228 13.61 0.05 1.68
CA PRO A 228 13.33 1.45 2.01
C PRO A 228 11.88 1.84 1.67
N PHE A 229 11.37 2.95 2.22
CA PHE A 229 10.02 3.41 1.88
C PHE A 229 10.07 4.80 1.32
N ALA A 230 9.61 4.94 0.09
CA ALA A 230 9.56 6.23 -0.58
C ALA A 230 8.57 7.16 0.12
N PRO A 231 8.79 8.47 0.02
CA PRO A 231 7.91 9.37 0.76
C PRO A 231 6.59 9.54 0.02
N GLY A 232 5.55 9.99 0.71
CA GLY A 232 4.34 10.47 0.07
C GLY A 232 3.66 9.35 -0.70
N TYR A 233 3.08 9.69 -1.85
CA TYR A 233 2.50 8.70 -2.76
C TYR A 233 3.49 7.88 -3.57
N GLY A 234 4.79 8.00 -3.28
CA GLY A 234 5.78 7.27 -4.04
C GLY A 234 5.98 5.87 -3.52
N VAL A 235 5.39 5.57 -2.38
CA VAL A 235 5.75 4.37 -1.64
C VAL A 235 5.46 3.07 -2.41
N GLU A 236 4.31 2.99 -3.07
CA GLU A 236 3.96 1.77 -3.79
C GLU A 236 4.84 1.43 -4.97
N ILE A 237 5.09 2.41 -5.81
CA ILE A 237 5.87 2.18 -7.02
C ILE A 237 7.29 1.80 -6.63
N GLY A 238 7.79 2.41 -5.56
CA GLY A 238 9.12 2.10 -5.07
C GLY A 238 9.23 0.65 -4.62
N LEU A 239 8.22 0.21 -3.89
CA LEU A 239 8.17 -1.15 -3.39
C LEU A 239 8.12 -2.14 -4.51
N LEU A 240 7.36 -1.82 -5.54
CA LEU A 240 7.27 -2.73 -6.64
C LEU A 240 8.63 -2.83 -7.36
N ILE A 241 9.22 -1.70 -7.69
CA ILE A 241 10.52 -1.72 -8.35
C ILE A 241 11.65 -2.28 -7.48
N ASP A 242 11.68 -1.93 -6.20
CA ASP A 242 12.71 -2.46 -5.32
C ASP A 242 12.58 -3.97 -5.15
N THR A 243 11.36 -4.44 -5.00
CA THR A 243 11.11 -5.87 -4.88
C THR A 243 11.62 -6.59 -6.12
N PHE A 244 11.22 -6.09 -7.29
CA PHE A 244 11.61 -6.69 -8.55
C PHE A 244 13.10 -6.72 -8.75
N ASP A 245 13.75 -5.59 -8.49
CA ASP A 245 15.18 -5.49 -8.68
C ASP A 245 15.88 -6.48 -7.77
N ARG A 246 15.33 -6.67 -6.59
CA ARG A 246 15.97 -7.54 -5.62
C ARG A 246 15.59 -9.03 -5.77
N LEU A 247 14.34 -9.35 -6.14
CA LEU A 247 13.90 -10.76 -6.19
C LEU A 247 13.37 -11.24 -7.55
N GLY A 248 13.18 -10.31 -8.48
CA GLY A 248 12.60 -10.62 -9.79
C GLY A 248 11.13 -10.95 -9.79
N LEU A 249 10.55 -11.16 -10.97
CA LEU A 249 9.11 -11.34 -11.09
C LEU A 249 8.56 -12.52 -10.32
N ASP A 250 9.38 -13.55 -10.16
CA ASP A 250 8.91 -14.81 -9.61
C ASP A 250 8.55 -14.62 -8.15
N ALA A 251 8.98 -13.50 -7.58
CA ALA A 251 8.66 -13.24 -6.19
C ALA A 251 7.38 -12.43 -6.08
N ILE A 252 6.81 -12.05 -7.22
CA ILE A 252 5.67 -11.16 -7.23
C ILE A 252 4.47 -11.88 -7.85
N ALA A 253 3.32 -11.73 -7.21
CA ALA A 253 2.07 -12.21 -7.79
C ALA A 253 1.06 -11.07 -7.84
N GLN A 254 0.00 -11.23 -8.61
CA GLN A 254 -1.08 -10.26 -8.58
C GLN A 254 -2.44 -10.98 -8.63
N VAL A 255 -3.40 -10.46 -7.86
CA VAL A 255 -4.73 -11.04 -7.71
C VAL A 255 -5.90 -10.11 -8.05
N ASN A 256 -6.84 -10.60 -8.86
CA ASN A 256 -8.00 -9.81 -9.21
C ASN A 256 -8.94 -9.65 -8.04
N LEU A 257 -9.07 -8.45 -7.49
CA LEU A 257 -10.06 -8.22 -6.45
C LEU A 257 -11.35 -7.71 -7.06
N GLY A 258 -11.52 -7.98 -8.35
CA GLY A 258 -12.73 -7.63 -9.05
C GLY A 258 -12.74 -6.19 -9.47
N VAL A 259 -13.43 -5.38 -8.69
CA VAL A 259 -13.65 -3.98 -9.04
C VAL A 259 -13.56 -3.10 -7.79
N ARG A 260 -12.73 -2.05 -7.87
CA ARG A 260 -12.66 -1.04 -6.82
C ARG A 260 -13.28 0.24 -7.31
N ALA A 261 -13.76 0.98 -6.34
CA ALA A 261 -14.15 2.37 -6.51
C ALA A 261 -13.72 3.06 -5.23
N HIS A 262 -13.22 4.29 -5.37
CA HIS A 262 -12.74 5.01 -4.21
C HIS A 262 -12.90 6.52 -4.41
N ARG A 263 -12.45 7.27 -3.42
CA ARG A 263 -12.51 8.73 -3.47
CA ARG A 263 -12.52 8.73 -3.47
C ARG A 263 -11.88 9.30 -4.74
N ASN A 264 -12.71 9.80 -5.64
CA ASN A 264 -12.19 10.47 -6.81
C ASN A 264 -11.72 11.85 -6.40
N ARG A 265 -10.52 12.21 -6.87
CA ARG A 265 -9.83 13.40 -6.39
C ARG A 265 -9.62 14.43 -7.50
N PRO A 266 -9.44 15.70 -7.11
CA PRO A 266 -9.21 16.79 -8.07
C PRO A 266 -7.88 16.70 -8.81
N LEU A 267 -7.92 17.00 -10.11
CA LEU A 267 -6.79 16.79 -10.99
C LEU A 267 -5.49 17.40 -10.45
N ASP A 268 -5.59 18.53 -9.78
CA ASP A 268 -4.40 19.21 -9.29
C ASP A 268 -3.72 18.41 -8.21
N GLU A 269 -4.49 17.61 -7.47
CA GLU A 269 -3.95 16.78 -6.40
C GLU A 269 -3.24 15.56 -6.98
N LEU A 270 -3.67 15.16 -8.17
CA LEU A 270 -3.06 14.03 -8.85
C LEU A 270 -1.77 14.47 -9.49
N GLY A 271 -1.73 15.69 -9.97
CA GLY A 271 -0.50 16.23 -10.52
C GLY A 271 0.56 16.12 -9.44
N ALA A 272 0.19 16.48 -8.21
CA ALA A 272 1.09 16.37 -7.08
C ALA A 272 1.48 14.92 -6.79
N MET A 273 0.51 14.02 -6.79
CA MET A 273 0.83 12.61 -6.63
C MET A 273 1.70 12.12 -7.77
N SER A 274 1.37 12.53 -8.97
CA SER A 274 2.07 12.05 -10.12
C SER A 274 3.51 12.49 -10.01
N ARG A 275 3.72 13.72 -9.55
CA ARG A 275 5.07 14.24 -9.37
C ARG A 275 5.92 13.33 -8.49
N GLN A 276 5.38 13.00 -7.32
CA GLN A 276 6.10 12.18 -6.34
C GLN A 276 6.34 10.77 -6.85
N VAL A 277 5.38 10.27 -7.62
CA VAL A 277 5.49 8.95 -8.23
C VAL A 277 6.66 8.96 -9.18
N ILE A 278 6.64 9.92 -10.09
CA ILE A 278 7.72 10.15 -11.02
C ILE A 278 9.04 10.24 -10.30
N ALA A 279 9.11 11.16 -9.34
CA ALA A 279 10.34 11.35 -8.58
C ALA A 279 10.91 10.02 -8.13
N THR A 280 10.09 9.22 -7.46
CA THR A 280 10.55 7.94 -6.94
C THR A 280 10.89 6.94 -8.04
N LEU A 281 10.07 6.90 -9.08
CA LEU A 281 10.32 5.93 -10.12
C LEU A 281 11.66 6.21 -10.78
N LEU A 282 12.02 7.49 -10.86
CA LEU A 282 13.23 7.89 -11.54
C LEU A 282 14.40 7.55 -10.68
N SER A 283 14.30 7.83 -9.39
CA SER A 283 15.41 7.61 -8.48
C SER A 283 15.74 6.14 -8.31
N ARG A 284 14.79 5.28 -8.62
CA ARG A 284 15.04 3.85 -8.60
C ARG A 284 15.72 3.42 -9.90
N CYS A 285 15.57 4.20 -10.96
CA CYS A 285 16.22 3.88 -12.22
C CYS A 285 17.47 4.71 -12.40
N GLY A 286 17.99 5.22 -11.28
CA GLY A 286 19.29 5.87 -11.26
C GLY A 286 19.30 7.17 -12.02
N ILE A 287 18.15 7.82 -12.09
CA ILE A 287 18.00 9.07 -12.81
C ILE A 287 17.91 10.23 -11.79
N PRO A 288 18.77 11.25 -11.94
CA PRO A 288 18.70 12.40 -11.03
C PRO A 288 17.44 13.22 -11.20
N ASP A 289 16.62 13.26 -10.16
CA ASP A 289 15.41 14.06 -10.18
C ASP A 289 15.78 15.43 -9.69
N SER A 290 15.27 16.46 -10.35
CA SER A 290 15.55 17.84 -9.97
C SER A 290 15.21 18.19 -8.52
N GLY A 291 14.38 17.38 -7.87
CA GLY A 291 13.94 17.71 -6.53
C GLY A 291 13.04 18.93 -6.51
N VAL A 292 12.53 19.33 -7.67
CA VAL A 292 11.64 20.50 -7.80
C VAL A 292 10.13 20.17 -7.77
N GLY A 293 9.43 20.76 -6.81
CA GLY A 293 8.00 20.53 -6.64
C GLY A 293 7.21 21.08 -7.82
N LEU A 294 6.13 20.38 -8.16
CA LEU A 294 5.30 20.72 -9.32
C LEU A 294 4.56 22.00 -9.07
N THR A 295 4.49 22.87 -10.06
CA THR A 295 3.89 24.18 -9.86
C THR A 295 2.72 24.39 -10.83
N GLN A 296 1.54 24.67 -10.29
CA GLN A 296 0.33 24.82 -11.11
C GLN A 296 -0.24 26.21 -11.02
N PHE A 297 -1.01 26.61 -12.03
CA PHE A 297 -1.66 27.91 -12.01
C PHE A 297 -3.20 27.81 -12.11
N LEU A 298 -3.88 27.95 -10.99
CA LEU A 298 -5.34 27.87 -10.94
C LEU A 298 -6.00 29.05 -11.69
N TYR A 307 -5.38 33.82 -12.70
CA TYR A 307 -4.63 32.58 -12.42
C TYR A 307 -3.66 32.72 -11.25
N THR A 308 -3.76 31.77 -10.31
CA THR A 308 -3.03 31.82 -9.04
C THR A 308 -1.98 30.70 -8.93
N ARG A 309 -0.80 31.04 -8.39
CA ARG A 309 0.35 30.13 -8.37
C ARG A 309 0.47 29.31 -7.09
N HIS A 310 0.71 28.01 -7.25
CA HIS A 310 0.86 27.06 -6.12
C HIS A 310 1.90 25.98 -6.45
N THR A 311 2.81 25.77 -5.50
CA THR A 311 3.92 24.80 -5.67
C THR A 311 3.85 23.68 -4.63
N TRP A 312 3.56 22.47 -5.09
CA TRP A 312 3.37 21.32 -4.21
C TRP A 312 4.69 20.71 -3.76
N PRO A 313 4.73 20.17 -2.52
CA PRO A 313 5.98 19.57 -2.04
C PRO A 313 6.32 18.29 -2.75
N VAL A 314 7.61 18.09 -2.98
CA VAL A 314 8.11 16.78 -3.41
C VAL A 314 9.27 16.42 -2.52
N SER A 315 9.48 15.13 -2.32
CA SER A 315 10.51 14.64 -1.44
C SER A 315 11.36 13.64 -2.18
N LEU A 316 12.68 13.78 -2.04
CA LEU A 316 13.62 12.82 -2.60
C LEU A 316 14.18 11.96 -1.49
N VAL A 317 13.52 11.98 -0.33
CA VAL A 317 14.00 11.23 0.81
C VAL A 317 13.16 10.00 1.19
N ASP A 318 13.81 8.82 1.05
CA ASP A 318 13.23 7.54 1.44
C ASP A 318 13.47 7.34 2.93
N ARG A 319 12.62 6.52 3.56
CA ARG A 319 12.95 5.92 4.84
C ARG A 319 13.82 4.69 4.60
N PRO A 320 14.80 4.43 5.50
CA PRO A 320 15.64 3.26 5.29
C PRO A 320 14.87 2.01 5.64
N PRO A 321 15.36 0.83 5.23
CA PRO A 321 14.74 -0.40 5.71
C PRO A 321 14.53 -0.36 7.20
N MET A 322 13.33 -0.71 7.64
CA MET A 322 12.95 -0.56 9.03
C MET A 322 13.86 -1.42 9.87
N LYS A 323 14.40 -2.48 9.25
CA LYS A 323 15.45 -3.31 9.87
C LYS A 323 16.52 -2.49 10.58
N VAL A 324 16.95 -1.40 9.98
CA VAL A 324 17.98 -0.61 10.63
C VAL A 324 17.49 -0.05 11.97
N MET A 325 16.18 -0.03 12.20
CA MET A 325 15.71 0.58 13.45
C MET A 325 15.70 -0.45 14.57
N ARG A 326 16.07 -1.68 14.23
CA ARG A 326 16.05 -2.78 15.18
C ARG A 326 17.15 -2.51 16.22
N PRO A 327 16.81 -2.49 17.51
CA PRO A 327 17.82 -2.20 18.53
C PRO A 327 18.88 -3.29 18.66
#